data_7V43
#
_entry.id   7V43
#
_cell.length_a   111.079
_cell.length_b   111.079
_cell.length_c   80.493
_cell.angle_alpha   90.000
_cell.angle_beta   90.000
_cell.angle_gamma   120.000
#
_symmetry.space_group_name_H-M   'P 32 2 1'
#
loop_
_entity.id
_entity.type
_entity.pdbx_description
1 polymer 'p450tol monooxygenase'
2 non-polymer 1-chloranyl-4-methyl-benzene
3 non-polymer 'PROTOPORPHYRIN IX CONTAINING FE'
4 non-polymer 'PHOSPHATE ION'
5 non-polymer GLYCEROL
6 water water
#
_entity_poly.entity_id   1
_entity_poly.type   'polypeptide(L)'
_entity_poly.pdbx_seq_one_letter_code
;MTTVESNTTAAIPDEIARQIVLPEGHKDNVPLFEAYRWLRENQPLGQARVEGYDPLWLITKYADLMEVERQPQIFAAGGG
EDKGSNNPILANQAGDEFTRQLLGGNLRILDALPYLDQPEHSVVKDVAFDWFRPANLKKWEDRIRETARASIDRLLAGGP
DLDAVQEFAVFFPLRVIMSLFGVPEEDEPRMMALTQDFFGVADPDAQRDDIEALSPDAAAQQWAATIADFYAYFDVLVES
RRAEPRDDLATLIAVAKDENGEYFPKTFAYGWFVAIATAGHDTTASTLAGCLQSLAAHPEVLDRVKGDPDLIPDLVNESL
RIVSPVKHFTRVALQDYEMRGQKIKAGDRLMLLFQSGNRDAEVFDRPDDFDIDRRPNKHIAFGYGPHMCIGQHLAKLELK
VMLQELLPHLERVEVSGEPKLIQTNFVGGLRKLPVHLTFS
;
_entity_poly.pdbx_strand_id   A
#
loop_
_chem_comp.id
_chem_comp.type
_chem_comp.name
_chem_comp.formula
C4O non-polymer 1-chloranyl-4-methyl-benzene 'C7 H7 Cl'
GOL non-polymer GLYCEROL 'C3 H8 O3'
HEM non-polymer 'PROTOPORPHYRIN IX CONTAINING FE' 'C34 H32 Fe N4 O4'
PO4 non-polymer 'PHOSPHATE ION' 'O4 P -3'
#
# COMPACT_ATOMS: atom_id res chain seq x y z
N THR A 9 -16.28 -5.11 -26.78
CA THR A 9 -17.49 -4.71 -25.97
C THR A 9 -17.81 -5.77 -24.91
N ALA A 10 -17.42 -7.03 -25.09
CA ALA A 10 -17.87 -8.09 -24.16
C ALA A 10 -17.19 -7.85 -22.79
N ALA A 11 -17.87 -8.28 -21.76
CA ALA A 11 -17.33 -8.32 -20.39
C ALA A 11 -16.01 -9.08 -20.46
N ILE A 12 -15.10 -8.85 -19.53
CA ILE A 12 -13.89 -9.67 -19.39
C ILE A 12 -14.32 -11.10 -19.08
N PRO A 13 -13.64 -12.10 -19.62
CA PRO A 13 -13.99 -13.49 -19.30
C PRO A 13 -13.91 -13.71 -17.79
N ASP A 14 -14.84 -14.52 -17.31
CA ASP A 14 -15.12 -14.67 -15.88
C ASP A 14 -13.87 -15.12 -15.15
N GLU A 15 -13.07 -16.06 -15.63
CA GLU A 15 -12.00 -16.52 -14.75
C GLU A 15 -10.87 -15.48 -14.66
N ILE A 16 -10.66 -14.70 -15.71
CA ILE A 16 -9.65 -13.61 -15.64
C ILE A 16 -10.16 -12.53 -14.66
N ALA A 17 -11.41 -12.18 -14.78
CA ALA A 17 -12.05 -11.16 -13.92
C ALA A 17 -11.93 -11.60 -12.47
N ARG A 18 -12.29 -12.84 -12.14
CA ARG A 18 -12.27 -13.30 -10.74
CA ARG A 18 -12.26 -13.30 -10.75
C ARG A 18 -10.83 -13.28 -10.22
N GLN A 19 -9.85 -13.62 -11.07
CA GLN A 19 -8.45 -13.68 -10.62
C GLN A 19 -8.01 -12.34 -10.01
N ILE A 20 -8.50 -11.29 -10.60
CA ILE A 20 -8.05 -9.93 -10.20
C ILE A 20 -8.96 -9.31 -9.16
N VAL A 21 -10.26 -9.51 -9.29
CA VAL A 21 -11.22 -8.88 -8.38
C VAL A 21 -11.24 -9.59 -7.03
N LEU A 22 -11.28 -10.91 -7.02
CA LEU A 22 -11.43 -11.63 -5.75
C LEU A 22 -10.11 -11.64 -4.98
N PRO A 23 -10.12 -11.37 -3.66
CA PRO A 23 -8.92 -11.48 -2.87
C PRO A 23 -8.18 -12.82 -3.05
N GLU A 24 -8.92 -13.92 -3.14
CA GLU A 24 -8.31 -15.26 -3.31
C GLU A 24 -7.51 -15.34 -4.60
N GLY A 25 -7.83 -14.54 -5.59
CA GLY A 25 -7.09 -14.49 -6.84
C GLY A 25 -5.69 -14.01 -6.67
N HIS A 26 -5.37 -13.39 -5.56
CA HIS A 26 -4.05 -12.78 -5.31
C HIS A 26 -3.20 -13.66 -4.43
N LYS A 27 -3.68 -14.87 -4.08
CA LYS A 27 -2.92 -15.71 -3.13
C LYS A 27 -1.57 -16.14 -3.73
N ASP A 28 -1.48 -16.28 -5.04
CA ASP A 28 -0.29 -16.69 -5.80
C ASP A 28 -0.05 -15.68 -6.92
N ASN A 29 1.12 -15.09 -6.87
CA ASN A 29 1.45 -14.08 -7.91
C ASN A 29 1.48 -14.62 -9.33
N VAL A 30 1.82 -15.89 -9.56
CA VAL A 30 1.96 -16.34 -10.96
C VAL A 30 0.63 -16.22 -11.70
N PRO A 31 -0.49 -16.84 -11.28
CA PRO A 31 -1.73 -16.73 -12.02
C PRO A 31 -2.30 -15.30 -12.04
N LEU A 32 -2.05 -14.56 -10.97
CA LEU A 32 -2.50 -13.14 -10.92
C LEU A 32 -1.82 -12.31 -12.02
N PHE A 33 -0.50 -12.39 -12.10
CA PHE A 33 0.22 -11.58 -13.11
C PHE A 33 -0.05 -12.09 -14.52
N GLU A 34 -0.33 -13.37 -14.64
CA GLU A 34 -0.70 -13.88 -15.98
C GLU A 34 -2.07 -13.31 -16.38
N ALA A 35 -2.99 -13.11 -15.43
CA ALA A 35 -4.30 -12.51 -15.76
C ALA A 35 -4.12 -11.03 -16.14
N TYR A 36 -3.27 -10.31 -15.41
CA TYR A 36 -3.02 -8.90 -15.79
C TYR A 36 -2.45 -8.87 -17.22
N ARG A 37 -1.49 -9.74 -17.50
CA ARG A 37 -0.86 -9.82 -18.84
C ARG A 37 -1.88 -10.17 -19.92
N TRP A 38 -2.75 -11.13 -19.65
CA TRP A 38 -3.80 -11.50 -20.64
C TRP A 38 -4.63 -10.26 -20.99
N LEU A 39 -5.04 -9.50 -19.98
CA LEU A 39 -5.80 -8.27 -20.27
C LEU A 39 -4.96 -7.26 -21.07
N ARG A 40 -3.75 -6.96 -20.64
CA ARG A 40 -2.93 -5.94 -21.36
C ARG A 40 -2.77 -6.34 -22.83
N GLU A 41 -2.73 -7.64 -23.09
CA GLU A 41 -2.45 -8.10 -24.47
C GLU A 41 -3.73 -8.32 -25.26
N ASN A 42 -4.86 -8.61 -24.66
CA ASN A 42 -6.10 -9.04 -25.34
C ASN A 42 -7.32 -8.18 -25.04
N GLN A 43 -7.35 -7.51 -23.89
CA GLN A 43 -8.53 -6.72 -23.49
C GLN A 43 -8.06 -5.68 -22.48
N PRO A 44 -7.24 -4.72 -22.93
CA PRO A 44 -6.57 -3.83 -22.00
C PRO A 44 -7.55 -2.94 -21.22
N LEU A 45 -8.71 -2.64 -21.72
CA LEU A 45 -9.74 -1.86 -21.02
C LEU A 45 -11.10 -2.54 -21.21
N GLY A 46 -11.40 -3.43 -20.29
CA GLY A 46 -12.68 -4.12 -20.23
C GLY A 46 -13.34 -4.00 -18.89
N GLN A 47 -14.59 -4.40 -18.79
CA GLN A 47 -15.36 -4.37 -17.56
C GLN A 47 -15.44 -5.74 -16.95
N ALA A 48 -14.97 -5.94 -15.76
CA ALA A 48 -15.13 -7.16 -14.96
C ALA A 48 -16.52 -7.08 -14.34
N ARG A 49 -17.31 -8.17 -14.49
CA ARG A 49 -18.66 -8.29 -13.92
C ARG A 49 -18.66 -9.52 -13.06
N VAL A 50 -18.10 -9.46 -11.87
CA VAL A 50 -17.93 -10.60 -10.97
C VAL A 50 -19.13 -10.64 -10.03
N GLU A 51 -19.71 -11.80 -9.82
CA GLU A 51 -20.87 -11.94 -8.94
C GLU A 51 -20.47 -11.43 -7.56
N GLY A 52 -21.33 -10.59 -7.00
CA GLY A 52 -21.10 -10.05 -5.65
C GLY A 52 -20.34 -8.75 -5.66
N TYR A 53 -19.91 -8.26 -6.82
CA TYR A 53 -19.16 -6.99 -6.96
C TYR A 53 -19.87 -6.11 -7.94
N ASP A 54 -19.69 -4.81 -7.79
CA ASP A 54 -20.10 -3.88 -8.84
C ASP A 54 -19.27 -4.17 -10.10
N PRO A 55 -19.80 -3.82 -11.28
CA PRO A 55 -18.96 -3.83 -12.48
C PRO A 55 -17.78 -2.88 -12.33
N LEU A 56 -16.64 -3.31 -12.83
CA LEU A 56 -15.38 -2.53 -12.69
C LEU A 56 -14.66 -2.51 -14.02
N TRP A 57 -14.32 -1.30 -14.50
CA TRP A 57 -13.32 -1.20 -15.57
C TRP A 57 -11.97 -1.53 -14.99
N LEU A 58 -11.25 -2.50 -15.52
CA LEU A 58 -9.93 -2.90 -15.01
C LEU A 58 -8.87 -2.10 -15.78
N ILE A 59 -8.23 -1.17 -15.09
CA ILE A 59 -7.24 -0.27 -15.73
C ILE A 59 -5.90 -0.93 -15.61
N THR A 60 -5.50 -1.58 -16.71
CA THR A 60 -4.33 -2.45 -16.76
C THR A 60 -3.09 -1.82 -17.41
N LYS A 61 -3.30 -0.75 -18.16
CA LYS A 61 -2.20 -0.16 -18.96
C LYS A 61 -1.63 1.04 -18.25
N TYR A 62 -0.32 1.17 -18.31
CA TYR A 62 0.40 2.29 -17.69
C TYR A 62 -0.16 3.63 -18.17
N ALA A 63 -0.33 3.82 -19.47
CA ALA A 63 -0.76 5.12 -19.98
C ALA A 63 -2.15 5.44 -19.45
N ASP A 64 -2.99 4.43 -19.31
CA ASP A 64 -4.39 4.62 -18.87
C ASP A 64 -4.43 4.94 -17.38
N LEU A 65 -3.56 4.37 -16.59
CA LEU A 65 -3.47 4.74 -15.18
C LEU A 65 -3.16 6.21 -15.04
N MET A 66 -2.21 6.71 -15.84
CA MET A 66 -1.89 8.16 -15.75
C MET A 66 -3.06 8.98 -16.24
N GLU A 67 -3.74 8.56 -17.33
CA GLU A 67 -4.84 9.35 -17.90
C GLU A 67 -5.98 9.50 -16.89
N VAL A 68 -6.27 8.43 -16.18
CA VAL A 68 -7.33 8.49 -15.16
C VAL A 68 -6.87 9.34 -13.98
N GLU A 69 -5.68 9.10 -13.44
CA GLU A 69 -5.29 9.73 -12.19
C GLU A 69 -5.02 11.22 -12.33
N ARG A 70 -4.61 11.67 -13.55
CA ARG A 70 -4.37 13.11 -13.73
C ARG A 70 -5.67 13.87 -13.93
N GLN A 71 -6.86 13.23 -13.92
CA GLN A 71 -8.14 13.89 -14.18
C GLN A 71 -9.09 13.65 -13.01
N PRO A 72 -8.77 14.14 -11.81
CA PRO A 72 -9.66 13.97 -10.67
C PRO A 72 -11.02 14.66 -10.83
N GLN A 73 -11.17 15.67 -11.67
CA GLN A 73 -12.49 16.34 -11.91
C GLN A 73 -13.39 15.39 -12.69
N ILE A 74 -12.87 14.34 -13.32
CA ILE A 74 -13.66 13.31 -14.07
C ILE A 74 -13.72 12.02 -13.28
N PHE A 75 -12.65 11.58 -12.64
CA PHE A 75 -12.57 10.28 -11.98
C PHE A 75 -12.32 10.53 -10.49
N ALA A 76 -13.39 10.44 -9.71
CA ALA A 76 -13.33 10.75 -8.29
C ALA A 76 -12.95 9.54 -7.48
N ALA A 77 -12.44 9.75 -6.29
CA ALA A 77 -12.05 8.71 -5.30
C ALA A 77 -13.22 8.42 -4.38
N GLY A 78 -13.86 9.46 -3.87
CA GLY A 78 -14.87 9.33 -2.81
C GLY A 78 -16.26 9.59 -3.32
N GLY A 79 -16.47 9.98 -4.57
CA GLY A 79 -17.78 10.29 -5.16
C GLY A 79 -18.04 11.75 -5.37
N GLY A 80 -17.04 12.59 -5.26
CA GLY A 80 -17.24 14.01 -5.52
C GLY A 80 -18.08 14.67 -4.45
N GLU A 81 -19.01 15.51 -4.86
CA GLU A 81 -19.78 16.30 -3.90
C GLU A 81 -20.67 15.38 -3.05
N ASP A 82 -21.05 14.22 -3.58
CA ASP A 82 -21.80 13.19 -2.81
C ASP A 82 -20.77 12.39 -2.03
N LYS A 83 -20.35 12.93 -0.94
CA LYS A 83 -19.17 12.44 -0.24
C LYS A 83 -19.41 11.07 0.30
N GLY A 84 -18.52 10.12 0.04
CA GLY A 84 -18.71 8.76 0.53
C GLY A 84 -19.58 7.93 -0.36
N SER A 85 -19.95 8.38 -1.55
CA SER A 85 -20.78 7.57 -2.46
C SER A 85 -19.96 6.54 -3.22
N ASN A 86 -18.63 6.65 -3.19
CA ASN A 86 -17.71 5.63 -3.76
C ASN A 86 -16.77 5.20 -2.66
N ASN A 87 -16.55 3.90 -2.61
CA ASN A 87 -15.50 3.34 -1.74
C ASN A 87 -14.20 3.26 -2.50
N PRO A 88 -13.16 4.04 -2.13
CA PRO A 88 -11.88 3.99 -2.86
C PRO A 88 -11.15 2.67 -2.73
N ILE A 89 -11.53 1.81 -1.80
CA ILE A 89 -10.81 0.54 -1.52
C ILE A 89 -11.81 -0.55 -1.78
N LEU A 90 -11.64 -1.40 -2.76
CA LEU A 90 -12.72 -2.27 -3.27
C LEU A 90 -13.23 -3.21 -2.19
N ALA A 91 -14.43 -3.06 -1.78
CA ALA A 91 -15.21 -4.05 -1.04
C ALA A 91 -16.16 -4.71 -1.97
N ASN A 92 -16.63 -5.90 -1.58
CA ASN A 92 -17.76 -6.51 -2.27
C ASN A 92 -19.06 -5.75 -1.99
N GLN A 93 -20.10 -6.06 -2.70
CA GLN A 93 -21.37 -5.34 -2.55
C GLN A 93 -21.94 -5.51 -1.15
N ALA A 94 -21.86 -6.73 -0.63
CA ALA A 94 -22.38 -6.98 0.71
C ALA A 94 -21.63 -6.14 1.72
N GLY A 95 -20.33 -5.99 1.52
CA GLY A 95 -19.52 -5.19 2.41
C GLY A 95 -19.82 -3.72 2.34
N ASP A 96 -20.01 -3.18 1.15
CA ASP A 96 -20.46 -1.79 1.05
C ASP A 96 -21.86 -1.60 1.66
N GLU A 97 -22.73 -2.60 1.57
CA GLU A 97 -24.04 -2.50 2.21
C GLU A 97 -23.88 -2.49 3.73
N PHE A 98 -23.04 -3.33 4.29
CA PHE A 98 -22.76 -3.29 5.72
C PHE A 98 -22.30 -1.90 6.12
N THR A 99 -21.34 -1.31 5.36
CA THR A 99 -20.82 0.00 5.74
C THR A 99 -21.89 1.08 5.63
N ARG A 100 -22.73 1.00 4.63
CA ARG A 100 -23.81 2.02 4.51
CA ARG A 100 -23.80 2.02 4.52
C ARG A 100 -24.78 1.84 5.69
N GLN A 101 -24.98 0.65 6.16
CA GLN A 101 -25.85 0.44 7.36
C GLN A 101 -25.18 1.06 8.57
N LEU A 102 -23.88 0.85 8.74
CA LEU A 102 -23.14 1.36 9.90
C LEU A 102 -23.08 2.89 9.86
N LEU A 103 -22.73 3.53 8.73
CA LEU A 103 -22.51 4.96 8.65
C LEU A 103 -23.79 5.71 8.35
N GLY A 104 -24.78 5.08 7.79
CA GLY A 104 -26.02 5.76 7.40
C GLY A 104 -26.00 6.30 6.00
N GLY A 105 -25.77 5.45 5.00
CA GLY A 105 -25.99 5.83 3.61
C GLY A 105 -24.76 6.09 2.79
N ASN A 106 -23.59 6.02 3.39
CA ASN A 106 -22.36 6.30 2.63
C ASN A 106 -21.27 5.39 3.13
N LEU A 107 -20.11 5.53 2.46
CA LEU A 107 -18.96 4.60 2.59
C LEU A 107 -17.74 5.27 3.13
N ARG A 108 -17.83 6.54 3.56
CA ARG A 108 -16.65 7.29 4.03
C ARG A 108 -16.39 6.90 5.48
N ILE A 109 -15.77 5.76 5.66
CA ILE A 109 -15.49 5.17 6.97
C ILE A 109 -14.21 5.71 7.57
N LEU A 110 -13.36 6.35 6.77
CA LEU A 110 -12.19 7.14 7.25
C LEU A 110 -12.21 8.51 6.59
N ASP A 111 -11.68 9.49 7.29
CA ASP A 111 -11.40 10.83 6.71
C ASP A 111 -9.95 10.89 6.18
N ALA A 112 -9.33 9.80 5.89
CA ALA A 112 -7.97 9.67 5.34
C ALA A 112 -8.01 10.11 3.86
N LEU A 113 -6.85 10.55 3.40
CA LEU A 113 -6.73 11.07 2.02
C LEU A 113 -7.37 10.18 0.96
N PRO A 114 -7.30 8.84 0.96
CA PRO A 114 -7.88 8.11 -0.16
C PRO A 114 -9.37 8.31 -0.38
N TYR A 115 -10.09 8.74 0.69
CA TYR A 115 -11.54 8.90 0.69
C TYR A 115 -11.96 10.29 0.22
N LEU A 116 -11.01 11.19 0.06
CA LEU A 116 -11.28 12.62 -0.19
C LEU A 116 -11.13 12.99 -1.66
N ASP A 117 -11.89 13.98 -2.10
CA ASP A 117 -11.80 14.58 -3.43
C ASP A 117 -11.49 16.04 -3.25
N GLN A 118 -10.99 16.66 -4.30
CA GLN A 118 -10.63 18.10 -4.28
C GLN A 118 -11.93 18.92 -4.22
N PRO A 119 -11.95 20.05 -3.51
CA PRO A 119 -10.78 20.63 -2.88
C PRO A 119 -10.43 20.16 -1.47
N GLU A 120 -11.36 19.41 -0.84
CA GLU A 120 -11.12 18.92 0.54
C GLU A 120 -9.79 18.15 0.61
N HIS A 121 -9.55 17.27 -0.36
CA HIS A 121 -8.30 16.48 -0.41
C HIS A 121 -7.09 17.40 -0.35
N SER A 122 -7.16 18.50 -1.08
CA SER A 122 -5.98 19.41 -1.20
C SER A 122 -5.73 20.11 0.14
N VAL A 123 -6.81 20.52 0.78
CA VAL A 123 -6.66 21.23 2.07
C VAL A 123 -6.10 20.29 3.10
N VAL A 124 -6.63 19.06 3.17
CA VAL A 124 -6.16 18.12 4.20
C VAL A 124 -4.71 17.72 3.90
N LYS A 125 -4.40 17.40 2.64
CA LYS A 125 -3.03 16.94 2.31
C LYS A 125 -1.98 17.98 2.65
N ASP A 126 -2.37 19.24 2.49
CA ASP A 126 -1.39 20.31 2.80
C ASP A 126 -1.00 20.31 4.28
N VAL A 127 -1.72 19.70 5.20
CA VAL A 127 -1.27 19.60 6.61
C VAL A 127 0.11 18.96 6.67
N ALA A 128 0.33 17.89 5.90
CA ALA A 128 1.58 17.10 6.04
C ALA A 128 2.41 17.19 4.77
N PHE A 129 2.05 17.83 3.68
CA PHE A 129 2.78 17.83 2.36
C PHE A 129 4.27 18.17 2.59
N ASP A 130 4.52 19.26 3.34
CA ASP A 130 5.93 19.70 3.52
C ASP A 130 6.72 18.70 4.33
N TRP A 131 6.16 18.13 5.38
CA TRP A 131 6.85 17.18 6.26
C TRP A 131 7.43 16.02 5.44
N PHE A 132 6.68 15.60 4.42
CA PHE A 132 7.01 14.39 3.64
C PHE A 132 7.92 14.70 2.44
N ARG A 133 8.30 15.96 2.20
CA ARG A 133 9.23 16.27 1.09
C ARG A 133 10.62 15.78 1.41
N PRO A 134 11.37 15.42 0.34
CA PRO A 134 12.69 14.79 0.58
C PRO A 134 13.63 15.66 1.44
N ALA A 135 13.65 16.96 1.24
CA ALA A 135 14.59 17.82 2.00
C ALA A 135 14.23 17.83 3.47
N ASN A 136 12.95 17.69 3.83
CA ASN A 136 12.46 17.77 5.20
C ASN A 136 12.58 16.41 5.89
N LEU A 137 12.87 15.35 5.13
CA LEU A 137 13.13 14.02 5.72
C LEU A 137 14.61 13.81 6.03
N LYS A 138 15.51 14.63 5.49
CA LYS A 138 16.97 14.45 5.72
C LYS A 138 17.29 14.45 7.20
N LYS A 139 16.57 15.24 8.01
CA LYS A 139 16.82 15.36 9.46
C LYS A 139 16.58 14.01 10.17
N TRP A 140 15.88 13.07 9.55
CA TRP A 140 15.59 11.76 10.20
C TRP A 140 16.57 10.70 9.74
N GLU A 141 17.44 10.99 8.79
CA GLU A 141 18.27 9.95 8.20
C GLU A 141 19.17 9.28 9.25
N ASP A 142 19.80 10.02 10.15
CA ASP A 142 20.67 9.40 11.15
C ASP A 142 19.86 8.48 12.08
N ARG A 143 18.68 8.89 12.53
CA ARG A 143 17.84 8.02 13.39
C ARG A 143 17.48 6.76 12.59
N ILE A 144 17.12 6.93 11.32
CA ILE A 144 16.72 5.75 10.51
C ILE A 144 17.90 4.79 10.44
N ARG A 145 19.12 5.31 10.26
CA ARG A 145 20.32 4.50 10.08
C ARG A 145 20.63 3.79 11.40
N GLU A 146 20.44 4.47 12.53
CA GLU A 146 20.67 3.80 13.83
C GLU A 146 19.64 2.67 14.02
N THR A 147 18.39 2.90 13.63
CA THR A 147 17.36 1.83 13.68
C THR A 147 17.75 0.67 12.77
N ALA A 148 18.16 0.91 11.54
CA ALA A 148 18.57 -0.16 10.62
C ALA A 148 19.71 -0.97 11.25
N ARG A 149 20.70 -0.27 11.79
CA ARG A 149 21.91 -0.93 12.32
C ARG A 149 21.52 -1.78 13.53
N ALA A 150 20.63 -1.31 14.40
CA ALA A 150 20.15 -2.15 15.54
C ALA A 150 19.43 -3.40 15.01
N SER A 151 18.59 -3.25 14.00
CA SER A 151 17.85 -4.38 13.41
C SER A 151 18.84 -5.37 12.80
N ILE A 152 19.88 -4.90 12.12
CA ILE A 152 20.92 -5.76 11.49
C ILE A 152 21.72 -6.47 12.60
N ASP A 153 22.00 -5.80 13.70
CA ASP A 153 22.74 -6.43 14.83
C ASP A 153 21.93 -7.63 15.31
N ARG A 154 20.60 -7.50 15.45
CA ARG A 154 19.71 -8.60 15.91
C ARG A 154 19.66 -9.71 14.86
N LEU A 155 19.66 -9.39 13.56
CA LEU A 155 19.72 -10.37 12.46
C LEU A 155 21.00 -11.19 12.57
N LEU A 156 22.14 -10.55 12.75
CA LEU A 156 23.43 -11.28 12.81
C LEU A 156 23.40 -12.16 14.07
N ALA A 157 22.86 -11.67 15.18
CA ALA A 157 22.88 -12.38 16.48
C ALA A 157 21.97 -13.62 16.41
N GLY A 158 20.97 -13.63 15.52
CA GLY A 158 19.96 -14.71 15.49
C GLY A 158 20.35 -15.82 14.55
N GLY A 159 21.45 -15.68 13.82
CA GLY A 159 21.94 -16.74 12.92
C GLY A 159 21.30 -16.72 11.54
N PRO A 160 21.71 -17.66 10.67
CA PRO A 160 21.47 -17.58 9.24
C PRO A 160 20.08 -18.05 8.76
N ASP A 161 19.37 -18.75 9.64
CA ASP A 161 18.08 -19.39 9.28
C ASP A 161 16.93 -18.67 9.96
N LEU A 162 16.05 -18.07 9.16
CA LEU A 162 14.93 -17.30 9.75
C LEU A 162 13.87 -17.13 8.67
N ASP A 163 12.72 -16.63 9.13
CA ASP A 163 11.73 -16.00 8.23
C ASP A 163 12.15 -14.55 8.06
N ALA A 164 12.62 -14.24 6.84
CA ALA A 164 13.09 -12.86 6.56
C ALA A 164 11.96 -11.83 6.67
N VAL A 165 10.69 -12.25 6.72
CA VAL A 165 9.58 -11.27 6.96
C VAL A 165 9.34 -11.11 8.45
N GLN A 166 8.71 -12.10 9.11
CA GLN A 166 8.23 -11.93 10.47
C GLN A 166 9.40 -11.80 11.47
N GLU A 167 10.59 -12.30 11.10
CA GLU A 167 11.73 -12.29 12.05
C GLU A 167 12.75 -11.21 11.67
N PHE A 168 12.49 -10.39 10.64
CA PHE A 168 13.44 -9.30 10.28
C PHE A 168 12.68 -8.10 9.65
N ALA A 169 12.18 -8.29 8.44
CA ALA A 169 11.76 -7.11 7.61
C ALA A 169 10.66 -6.32 8.29
N VAL A 170 9.76 -6.93 9.02
CA VAL A 170 8.61 -6.20 9.58
C VAL A 170 9.02 -5.17 10.62
N PHE A 171 10.09 -5.39 11.35
CA PHE A 171 10.38 -4.59 12.56
C PHE A 171 10.97 -3.22 12.21
N PHE A 172 11.88 -3.13 11.24
CA PHE A 172 12.59 -1.86 10.96
C PHE A 172 11.60 -0.77 10.57
N PRO A 173 10.72 -0.97 9.56
CA PRO A 173 9.84 0.14 9.17
C PRO A 173 8.84 0.51 10.26
N LEU A 174 8.42 -0.50 11.02
CA LEU A 174 7.49 -0.22 12.12
C LEU A 174 8.18 0.67 13.18
N ARG A 175 9.41 0.31 13.54
CA ARG A 175 10.10 1.12 14.55
C ARG A 175 10.33 2.53 14.02
N VAL A 176 10.73 2.66 12.77
CA VAL A 176 10.98 4.00 12.15
C VAL A 176 9.71 4.82 12.28
N ILE A 177 8.60 4.30 11.74
CA ILE A 177 7.40 5.16 11.73
C ILE A 177 6.88 5.45 13.14
N MET A 178 6.89 4.47 14.05
CA MET A 178 6.42 4.74 15.40
C MET A 178 7.32 5.75 16.14
N SER A 179 8.61 5.75 15.82
CA SER A 179 9.53 6.73 16.46
C SER A 179 9.22 8.14 15.94
N LEU A 180 9.05 8.26 14.63
CA LEU A 180 8.81 9.57 13.99
C LEU A 180 7.45 10.07 14.42
N PHE A 181 6.53 9.14 14.55
CA PHE A 181 5.11 9.40 14.72
C PHE A 181 4.96 9.86 16.16
N GLY A 182 5.71 9.22 17.07
CA GLY A 182 5.78 9.47 18.51
C GLY A 182 5.14 8.36 19.36
N VAL A 183 4.69 7.24 18.77
CA VAL A 183 4.13 6.06 19.51
C VAL A 183 5.27 5.37 20.29
N PRO A 184 5.12 5.11 21.62
CA PRO A 184 6.19 4.47 22.39
C PRO A 184 6.46 3.03 21.90
N GLU A 185 7.69 2.54 22.10
CA GLU A 185 8.15 1.24 21.57
C GLU A 185 7.25 0.12 22.08
N GLU A 186 6.76 0.19 23.31
CA GLU A 186 5.94 -0.88 23.90
C GLU A 186 4.58 -1.01 23.19
N ASP A 187 4.17 0.00 22.40
CA ASP A 187 2.89 -0.06 21.64
C ASP A 187 3.08 -0.62 20.24
N GLU A 188 4.29 -0.95 19.84
CA GLU A 188 4.55 -1.47 18.48
C GLU A 188 3.79 -2.76 18.28
N PRO A 189 3.78 -3.75 19.19
CA PRO A 189 3.09 -4.99 18.94
C PRO A 189 1.58 -4.78 18.70
N ARG A 190 0.93 -3.89 19.40
CA ARG A 190 -0.50 -3.58 19.18
C ARG A 190 -0.66 -2.99 17.77
N MET A 191 0.16 -2.05 17.37
CA MET A 191 0.06 -1.43 16.03
C MET A 191 0.28 -2.51 14.99
N MET A 192 1.22 -3.43 15.18
CA MET A 192 1.49 -4.50 14.22
C MET A 192 0.24 -5.39 14.12
N ALA A 193 -0.36 -5.76 15.23
CA ALA A 193 -1.54 -6.65 15.23
C ALA A 193 -2.69 -5.94 14.53
N LEU A 194 -2.93 -4.68 14.78
CA LEU A 194 -4.06 -3.99 14.10
C LEU A 194 -3.75 -3.83 12.60
N THR A 195 -2.50 -3.65 12.22
CA THR A 195 -2.14 -3.57 10.79
C THR A 195 -2.42 -4.89 10.13
N GLN A 196 -2.10 -6.01 10.78
CA GLN A 196 -2.45 -7.34 10.18
C GLN A 196 -3.97 -7.48 10.04
N ASP A 197 -4.71 -7.03 11.01
CA ASP A 197 -6.19 -7.09 10.90
C ASP A 197 -6.65 -6.25 9.72
N PHE A 198 -6.08 -5.06 9.54
CA PHE A 198 -6.49 -4.04 8.55
C PHE A 198 -6.23 -4.51 7.15
N PHE A 199 -5.03 -5.03 6.85
CA PHE A 199 -4.66 -5.47 5.51
C PHE A 199 -5.00 -6.94 5.30
N GLY A 200 -5.48 -7.64 6.34
CA GLY A 200 -5.80 -9.07 6.28
C GLY A 200 -7.29 -9.36 6.22
N VAL A 201 -8.13 -8.38 5.91
CA VAL A 201 -9.60 -8.52 6.04
C VAL A 201 -10.13 -9.70 5.27
N ALA A 202 -9.48 -10.13 4.21
CA ALA A 202 -9.92 -11.24 3.34
C ALA A 202 -8.90 -12.37 3.36
N ASP A 203 -7.96 -12.37 4.27
CA ASP A 203 -6.93 -13.43 4.33
C ASP A 203 -7.38 -14.44 5.36
N PRO A 204 -7.35 -15.74 5.03
CA PRO A 204 -7.93 -16.74 5.94
C PRO A 204 -7.17 -16.91 7.24
N ASP A 205 -5.92 -16.50 7.26
CA ASP A 205 -5.05 -16.64 8.43
C ASP A 205 -4.95 -15.35 9.26
N ALA A 206 -5.72 -14.32 8.89
CA ALA A 206 -5.67 -13.02 9.56
C ALA A 206 -7.06 -12.64 10.08
N GLN A 207 -7.97 -13.56 10.28
CA GLN A 207 -9.34 -13.25 10.70
C GLN A 207 -9.39 -12.84 12.17
N ARG A 208 -10.10 -11.76 12.44
CA ARG A 208 -10.35 -11.32 13.83
C ARG A 208 -11.32 -12.28 14.53
N ASP A 209 -11.21 -12.39 15.84
CA ASP A 209 -12.13 -13.34 16.54
C ASP A 209 -13.45 -12.69 16.83
N ASP A 210 -13.60 -11.38 16.72
CA ASP A 210 -14.85 -10.68 17.11
C ASP A 210 -15.79 -10.41 15.93
N ILE A 211 -15.50 -10.96 14.74
CA ILE A 211 -16.42 -10.78 13.58
C ILE A 211 -16.83 -12.17 13.07
N GLU A 212 -17.96 -12.19 12.37
CA GLU A 212 -18.41 -13.43 11.68
C GLU A 212 -17.59 -13.67 10.43
N ALA A 213 -16.65 -14.58 10.49
CA ALA A 213 -15.62 -14.78 9.46
C ALA A 213 -16.21 -15.24 8.15
N LEU A 214 -17.37 -15.92 8.19
CA LEU A 214 -17.92 -16.55 6.98
C LEU A 214 -19.06 -15.76 6.37
N SER A 215 -19.42 -14.65 7.00
CA SER A 215 -20.52 -13.78 6.50
CA SER A 215 -20.53 -13.79 6.50
C SER A 215 -20.12 -13.16 5.17
N PRO A 216 -21.09 -12.85 4.30
CA PRO A 216 -20.81 -12.24 3.00
C PRO A 216 -20.11 -10.88 3.15
N ASP A 217 -20.29 -10.23 4.29
CA ASP A 217 -19.72 -8.90 4.57
C ASP A 217 -18.59 -9.00 5.58
N ALA A 218 -17.97 -10.16 5.73
CA ALA A 218 -16.94 -10.35 6.77
C ALA A 218 -15.81 -9.34 6.66
N ALA A 219 -15.28 -9.14 5.45
CA ALA A 219 -14.10 -8.26 5.29
C ALA A 219 -14.49 -6.86 5.74
N ALA A 220 -15.67 -6.40 5.35
CA ALA A 220 -16.15 -5.08 5.74
C ALA A 220 -16.32 -4.98 7.25
N GLN A 221 -16.81 -6.05 7.89
CA GLN A 221 -16.94 -6.01 9.34
C GLN A 221 -15.58 -5.95 9.99
N GLN A 222 -14.61 -6.69 9.46
CA GLN A 222 -13.25 -6.64 10.01
C GLN A 222 -12.62 -5.26 9.81
N TRP A 223 -12.79 -4.70 8.62
CA TRP A 223 -12.27 -3.34 8.35
C TRP A 223 -12.81 -2.38 9.41
N ALA A 224 -14.11 -2.38 9.62
CA ALA A 224 -14.76 -1.45 10.57
C ALA A 224 -14.27 -1.71 12.01
N ALA A 225 -14.19 -2.98 12.41
CA ALA A 225 -13.79 -3.30 13.80
C ALA A 225 -12.38 -2.76 14.04
N THR A 226 -11.49 -2.98 13.06
CA THR A 226 -10.08 -2.56 13.17
C THR A 226 -10.01 -1.05 13.27
N ILE A 227 -10.78 -0.35 12.44
CA ILE A 227 -10.78 1.13 12.49
C ILE A 227 -11.23 1.58 13.88
N ALA A 228 -12.27 0.95 14.44
CA ALA A 228 -12.74 1.37 15.78
C ALA A 228 -11.63 1.20 16.81
N ASP A 229 -10.86 0.14 16.71
CA ASP A 229 -9.73 -0.05 17.66
C ASP A 229 -8.67 1.01 17.42
N PHE A 230 -8.35 1.34 16.18
CA PHE A 230 -7.40 2.43 15.95
C PHE A 230 -7.95 3.75 16.50
N TYR A 231 -9.19 4.06 16.29
CA TYR A 231 -9.79 5.32 16.82
C TYR A 231 -9.62 5.38 18.33
N ALA A 232 -9.84 4.30 19.03
CA ALA A 232 -9.77 4.35 20.52
C ALA A 232 -8.36 4.66 20.92
N TYR A 233 -7.37 4.10 20.26
CA TYR A 233 -5.96 4.35 20.54
C TYR A 233 -5.57 5.77 20.16
N PHE A 234 -5.94 6.21 18.96
CA PHE A 234 -5.51 7.54 18.48
C PHE A 234 -6.30 8.66 19.15
N ASP A 235 -7.48 8.43 19.70
CA ASP A 235 -8.17 9.49 20.50
C ASP A 235 -7.29 9.93 21.66
N VAL A 236 -6.69 8.99 22.34
CA VAL A 236 -5.81 9.33 23.50
C VAL A 236 -4.61 10.10 22.97
N LEU A 237 -4.02 9.71 21.83
CA LEU A 237 -2.80 10.35 21.32
C LEU A 237 -3.15 11.78 20.86
N VAL A 238 -4.25 11.98 20.15
CA VAL A 238 -4.66 13.33 19.70
C VAL A 238 -4.82 14.24 20.92
N GLU A 239 -5.55 13.78 21.92
CA GLU A 239 -5.86 14.62 23.12
C GLU A 239 -4.53 14.94 23.81
N SER A 240 -3.63 13.98 23.90
CA SER A 240 -2.32 14.12 24.57
C SER A 240 -1.50 15.20 23.87
N ARG A 241 -1.42 15.18 22.54
CA ARG A 241 -0.54 16.12 21.80
C ARG A 241 -1.20 17.51 21.71
N ARG A 242 -2.54 17.59 21.72
CA ARG A 242 -3.22 18.92 21.74
C ARG A 242 -2.91 19.60 23.08
N ALA A 243 -2.87 18.82 24.16
CA ALA A 243 -2.64 19.34 25.54
C ALA A 243 -1.16 19.63 25.72
N GLU A 244 -0.28 18.81 25.20
CA GLU A 244 1.19 18.96 25.34
C GLU A 244 1.86 18.65 24.01
N PRO A 245 1.94 19.63 23.09
CA PRO A 245 2.60 19.44 21.81
C PRO A 245 4.04 18.99 22.00
N ARG A 246 4.48 18.07 21.16
CA ARG A 246 5.89 17.61 21.08
C ARG A 246 6.40 17.85 19.67
N ASP A 247 7.68 17.58 19.46
CA ASP A 247 8.30 17.75 18.12
C ASP A 247 8.24 16.41 17.42
N ASP A 248 7.02 15.94 17.09
CA ASP A 248 6.81 14.64 16.41
C ASP A 248 5.68 14.79 15.38
N LEU A 249 5.51 13.78 14.55
CA LEU A 249 4.54 13.84 13.44
C LEU A 249 3.14 13.77 14.04
N ALA A 250 2.97 13.03 15.13
CA ALA A 250 1.66 12.99 15.82
C ALA A 250 1.21 14.42 16.13
N THR A 251 2.12 15.29 16.59
CA THR A 251 1.70 16.64 17.00
C THR A 251 1.28 17.45 15.78
N LEU A 252 2.05 17.41 14.72
CA LEU A 252 1.76 18.15 13.45
C LEU A 252 0.32 17.82 13.07
N ILE A 253 -0.04 16.55 13.06
CA ILE A 253 -1.41 16.17 12.66
C ILE A 253 -2.43 16.50 13.75
N ALA A 254 -2.13 16.24 15.01
CA ALA A 254 -3.13 16.40 16.10
C ALA A 254 -3.53 17.86 16.27
N VAL A 255 -2.60 18.79 16.05
CA VAL A 255 -2.93 20.21 16.37
C VAL A 255 -3.35 20.97 15.12
N ALA A 256 -3.42 20.32 13.96
CA ALA A 256 -3.69 21.00 12.68
C ALA A 256 -5.01 21.75 12.74
N LYS A 257 -4.95 22.99 12.26
CA LYS A 257 -6.13 23.88 12.22
C LYS A 257 -6.42 24.27 10.76
N ASP A 258 -7.69 24.49 10.48
CA ASP A 258 -8.16 24.97 9.17
C ASP A 258 -7.97 26.48 9.01
N GLU A 259 -8.43 26.99 7.88
CA GLU A 259 -8.24 28.41 7.48
C GLU A 259 -9.00 29.35 8.45
N ASN A 260 -9.94 28.87 9.24
CA ASN A 260 -10.68 29.71 10.23
C ASN A 260 -10.10 29.58 11.65
N GLY A 261 -8.97 28.90 11.84
CA GLY A 261 -8.35 28.73 13.17
C GLY A 261 -8.98 27.65 14.02
N GLU A 262 -9.84 26.80 13.46
CA GLU A 262 -10.50 25.71 14.21
C GLU A 262 -9.71 24.42 13.94
N TYR A 263 -9.55 23.62 14.96
CA TYR A 263 -8.97 22.28 14.71
C TYR A 263 -9.78 21.64 13.60
N PHE A 264 -9.08 20.90 12.72
CA PHE A 264 -9.81 19.90 11.92
C PHE A 264 -10.49 18.92 12.87
N PRO A 265 -11.66 18.38 12.50
CA PRO A 265 -12.28 17.35 13.33
C PRO A 265 -11.30 16.23 13.66
N LYS A 266 -11.45 15.64 14.84
CA LYS A 266 -10.52 14.61 15.32
C LYS A 266 -10.43 13.46 14.31
N THR A 267 -11.50 13.08 13.63
CA THR A 267 -11.43 11.96 12.71
C THR A 267 -10.44 12.28 11.57
N PHE A 268 -10.13 13.52 11.26
CA PHE A 268 -9.11 13.80 10.23
C PHE A 268 -7.75 13.40 10.75
N ALA A 269 -7.45 13.68 12.00
CA ALA A 269 -6.20 13.20 12.62
C ALA A 269 -6.24 11.70 12.61
N TYR A 270 -7.34 11.10 13.04
CA TYR A 270 -7.37 9.62 13.08
C TYR A 270 -7.09 9.04 11.68
N GLY A 271 -7.60 9.67 10.63
CA GLY A 271 -7.38 9.14 9.27
C GLY A 271 -5.90 9.19 8.91
N TRP A 272 -5.21 10.29 9.18
CA TRP A 272 -3.76 10.35 8.97
C TRP A 272 -3.11 9.23 9.76
N PHE A 273 -3.49 9.08 11.02
CA PHE A 273 -2.82 8.14 11.92
C PHE A 273 -3.04 6.71 11.47
N VAL A 274 -4.25 6.38 11.02
CA VAL A 274 -4.49 5.02 10.47
C VAL A 274 -3.58 4.78 9.28
N ALA A 275 -3.53 5.73 8.35
CA ALA A 275 -2.74 5.51 7.13
C ALA A 275 -1.27 5.36 7.51
N ILE A 276 -0.76 6.24 8.35
CA ILE A 276 0.70 6.21 8.68
C ILE A 276 1.02 4.97 9.50
N ALA A 277 0.13 4.52 10.37
CA ALA A 277 0.36 3.38 11.27
C ALA A 277 0.21 2.04 10.55
N THR A 278 -0.25 2.03 9.29
CA THR A 278 -0.50 0.79 8.53
C THR A 278 0.34 0.81 7.28
N ALA A 279 -0.04 1.58 6.27
CA ALA A 279 0.75 1.73 5.03
C ALA A 279 2.12 2.31 5.33
N GLY A 280 2.25 3.08 6.39
CA GLY A 280 3.55 3.72 6.73
C GLY A 280 4.63 2.74 7.04
N HIS A 281 4.36 1.50 7.38
CA HIS A 281 5.40 0.49 7.58
C HIS A 281 5.19 -0.76 6.72
N ASP A 282 3.97 -1.20 6.47
CA ASP A 282 3.76 -2.51 5.88
C ASP A 282 4.30 -2.59 4.46
N THR A 283 4.11 -1.53 3.70
CA THR A 283 4.54 -1.48 2.27
C THR A 283 6.08 -1.54 2.17
N THR A 284 6.74 -0.83 3.03
CA THR A 284 8.22 -0.80 3.06
C THR A 284 8.71 -2.18 3.46
N ALA A 285 8.06 -2.81 4.45
CA ALA A 285 8.44 -4.16 4.85
C ALA A 285 8.29 -5.11 3.66
N SER A 286 7.17 -5.07 2.95
CA SER A 286 6.91 -5.94 1.78
C SER A 286 8.00 -5.75 0.72
N THR A 287 8.35 -4.50 0.44
CA THR A 287 9.32 -4.18 -0.62
C THR A 287 10.70 -4.70 -0.18
N LEU A 288 11.05 -4.52 1.07
CA LEU A 288 12.34 -5.05 1.58
C LEU A 288 12.38 -6.58 1.44
N ALA A 289 11.32 -7.28 1.87
CA ALA A 289 11.28 -8.74 1.76
C ALA A 289 11.30 -9.15 0.31
N GLY A 290 10.57 -8.48 -0.59
CA GLY A 290 10.57 -8.78 -1.99
C GLY A 290 11.96 -8.58 -2.60
N CYS A 291 12.65 -7.52 -2.19
CA CYS A 291 14.03 -7.27 -2.60
C CYS A 291 14.88 -8.50 -2.22
N LEU A 292 14.84 -8.90 -0.97
CA LEU A 292 15.63 -10.08 -0.54
C LEU A 292 15.27 -11.26 -1.41
N GLN A 293 14.01 -11.54 -1.67
CA GLN A 293 13.61 -12.66 -2.52
C GLN A 293 14.22 -12.55 -3.91
N SER A 294 14.27 -11.36 -4.48
CA SER A 294 14.84 -11.13 -5.80
C SER A 294 16.38 -11.28 -5.75
N LEU A 295 17.02 -10.89 -4.68
CA LEU A 295 18.49 -11.08 -4.59
C LEU A 295 18.79 -12.58 -4.50
N ALA A 296 17.91 -13.38 -3.92
CA ALA A 296 18.12 -14.85 -3.89
C ALA A 296 18.00 -15.42 -5.30
N ALA A 297 17.08 -14.95 -6.12
CA ALA A 297 16.86 -15.43 -7.48
C ALA A 297 17.98 -14.93 -8.38
N HIS A 298 18.57 -13.78 -8.05
CA HIS A 298 19.51 -13.05 -8.94
C HIS A 298 20.75 -12.74 -8.13
N PRO A 299 21.59 -13.74 -7.73
CA PRO A 299 22.69 -13.47 -6.83
C PRO A 299 23.72 -12.50 -7.45
N GLU A 300 23.80 -12.46 -8.79
CA GLU A 300 24.73 -11.55 -9.51
C GLU A 300 24.33 -10.11 -9.18
N VAL A 301 23.05 -9.85 -8.92
CA VAL A 301 22.63 -8.45 -8.56
C VAL A 301 23.18 -8.12 -7.19
N LEU A 302 23.07 -8.99 -6.21
CA LEU A 302 23.66 -8.76 -4.89
C LEU A 302 25.17 -8.49 -5.06
N ASP A 303 25.84 -9.30 -5.83
CA ASP A 303 27.32 -9.11 -5.98
C ASP A 303 27.56 -7.69 -6.53
N ARG A 304 26.79 -7.30 -7.53
CA ARG A 304 27.00 -6.00 -8.22
C ARG A 304 26.72 -4.86 -7.27
N VAL A 305 25.66 -4.91 -6.45
CA VAL A 305 25.32 -3.78 -5.57
C VAL A 305 26.28 -3.72 -4.39
N LYS A 306 26.89 -4.84 -3.98
CA LYS A 306 27.92 -4.79 -2.91
C LYS A 306 29.19 -4.15 -3.51
N GLY A 307 29.39 -4.33 -4.81
CA GLY A 307 30.54 -3.78 -5.57
C GLY A 307 30.37 -2.31 -5.81
N ASP A 308 29.13 -1.85 -5.97
CA ASP A 308 28.83 -0.41 -6.23
C ASP A 308 27.60 0.00 -5.41
N PRO A 309 27.76 0.43 -4.15
CA PRO A 309 26.64 0.83 -3.30
C PRO A 309 25.83 1.99 -3.89
N ASP A 310 26.33 2.76 -4.86
CA ASP A 310 25.53 3.81 -5.54
C ASP A 310 24.45 3.19 -6.41
N LEU A 311 24.49 1.89 -6.67
CA LEU A 311 23.38 1.17 -7.35
C LEU A 311 22.19 0.94 -6.39
N ILE A 312 22.31 1.20 -5.11
CA ILE A 312 21.22 0.88 -4.13
C ILE A 312 19.94 1.60 -4.55
N PRO A 313 19.88 2.90 -4.83
CA PRO A 313 18.61 3.50 -5.24
C PRO A 313 18.01 2.80 -6.45
N ASP A 314 18.78 2.33 -7.44
CA ASP A 314 18.29 1.60 -8.61
C ASP A 314 17.69 0.28 -8.12
N LEU A 315 18.33 -0.41 -7.19
CA LEU A 315 17.80 -1.65 -6.66
C LEU A 315 16.46 -1.34 -5.95
N VAL A 316 16.38 -0.27 -5.19
CA VAL A 316 15.09 0.08 -4.54
C VAL A 316 14.05 0.31 -5.61
N ASN A 317 14.31 1.08 -6.63
CA ASN A 317 13.32 1.39 -7.66
C ASN A 317 12.85 0.12 -8.32
N GLU A 318 13.74 -0.83 -8.64
CA GLU A 318 13.30 -2.03 -9.36
C GLU A 318 12.56 -2.95 -8.38
N SER A 319 12.90 -2.95 -7.11
CA SER A 319 12.13 -3.70 -6.09
C SER A 319 10.73 -3.09 -6.03
N LEU A 320 10.58 -1.80 -6.03
CA LEU A 320 9.24 -1.18 -5.96
C LEU A 320 8.47 -1.57 -7.17
N ARG A 321 9.01 -1.56 -8.35
CA ARG A 321 8.30 -1.86 -9.59
C ARG A 321 7.85 -3.33 -9.54
N ILE A 322 8.75 -4.26 -9.17
CA ILE A 322 8.43 -5.69 -9.22
C ILE A 322 7.41 -6.02 -8.09
N VAL A 323 7.61 -5.54 -6.88
CA VAL A 323 6.76 -5.92 -5.71
C VAL A 323 5.42 -5.23 -5.80
N SER A 324 5.41 -3.91 -6.06
CA SER A 324 4.20 -3.07 -6.28
C SER A 324 3.17 -3.50 -5.24
N PRO A 325 3.44 -3.32 -3.94
CA PRO A 325 2.58 -3.92 -2.93
C PRO A 325 1.21 -3.30 -2.79
N VAL A 326 1.04 -2.06 -3.21
CA VAL A 326 -0.30 -1.43 -3.19
C VAL A 326 -0.93 -1.72 -4.53
N LYS A 327 -1.94 -2.57 -4.55
CA LYS A 327 -2.45 -3.16 -5.82
C LYS A 327 -3.49 -2.31 -6.54
N HIS A 328 -4.24 -1.52 -5.79
CA HIS A 328 -5.33 -0.74 -6.43
C HIS A 328 -5.92 0.26 -5.46
N PHE A 329 -6.52 1.23 -6.10
CA PHE A 329 -7.59 2.07 -5.52
C PHE A 329 -8.68 2.11 -6.61
N THR A 330 -9.89 2.47 -6.21
CA THR A 330 -10.99 2.59 -7.16
C THR A 330 -11.32 4.06 -7.42
N ARG A 331 -11.92 4.28 -8.57
CA ARG A 331 -12.44 5.58 -8.96
C ARG A 331 -13.86 5.43 -9.47
N VAL A 332 -14.59 6.50 -9.52
CA VAL A 332 -15.91 6.54 -10.15
C VAL A 332 -15.93 7.67 -11.16
N ALA A 333 -16.48 7.39 -12.35
CA ALA A 333 -16.60 8.39 -13.40
C ALA A 333 -17.72 9.36 -13.04
N LEU A 334 -17.44 10.64 -13.01
CA LEU A 334 -18.47 11.67 -12.74
C LEU A 334 -19.15 12.11 -14.01
N GLN A 335 -18.67 11.70 -15.14
CA GLN A 335 -19.29 12.00 -16.46
C GLN A 335 -18.88 10.89 -17.39
N ASP A 336 -19.58 10.69 -18.52
CA ASP A 336 -19.16 9.74 -19.53
C ASP A 336 -17.79 10.12 -20.06
N TYR A 337 -16.97 9.14 -20.42
CA TYR A 337 -15.60 9.40 -20.84
C TYR A 337 -15.18 8.27 -21.78
N GLU A 338 -14.63 8.61 -22.95
CA GLU A 338 -14.11 7.62 -23.90
C GLU A 338 -12.63 7.43 -23.72
N MET A 339 -12.20 6.18 -23.61
CA MET A 339 -10.77 5.87 -23.50
C MET A 339 -10.53 4.54 -24.18
N ARG A 340 -9.49 4.47 -25.02
CA ARG A 340 -9.04 3.20 -25.64
C ARG A 340 -10.21 2.52 -26.36
N GLY A 341 -11.06 3.33 -27.03
CA GLY A 341 -12.18 2.80 -27.83
C GLY A 341 -13.36 2.33 -26.97
N GLN A 342 -13.33 2.58 -25.66
CA GLN A 342 -14.43 2.14 -24.78
C GLN A 342 -15.19 3.35 -24.25
N LYS A 343 -16.46 3.19 -23.94
CA LYS A 343 -17.34 4.23 -23.41
C LYS A 343 -17.60 3.95 -21.94
N ILE A 344 -16.81 4.63 -21.09
CA ILE A 344 -17.06 4.61 -19.64
C ILE A 344 -18.24 5.49 -19.38
N LYS A 345 -19.22 5.04 -18.65
CA LYS A 345 -20.43 5.81 -18.38
C LYS A 345 -20.35 6.48 -17.01
N ALA A 346 -20.98 7.62 -16.84
CA ALA A 346 -21.11 8.28 -15.56
C ALA A 346 -21.62 7.24 -14.55
N GLY A 347 -20.99 7.17 -13.40
CA GLY A 347 -21.33 6.25 -12.32
C GLY A 347 -20.58 4.95 -12.42
N ASP A 348 -19.92 4.65 -13.51
CA ASP A 348 -19.13 3.40 -13.60
C ASP A 348 -17.92 3.51 -12.69
N ARG A 349 -17.57 2.42 -12.05
CA ARG A 349 -16.37 2.30 -11.21
C ARG A 349 -15.21 1.72 -12.02
N LEU A 350 -14.01 2.12 -11.62
CA LEU A 350 -12.73 1.73 -12.20
C LEU A 350 -11.87 1.16 -11.11
N MET A 351 -11.08 0.15 -11.42
CA MET A 351 -10.08 -0.41 -10.53
C MET A 351 -8.70 -0.14 -11.13
N LEU A 352 -7.88 0.63 -10.44
CA LEU A 352 -6.55 1.03 -10.94
C LEU A 352 -5.54 -0.03 -10.59
N LEU A 353 -5.03 -0.76 -11.56
CA LEU A 353 -4.18 -1.93 -11.24
C LEU A 353 -2.70 -1.54 -11.35
N PHE A 354 -2.16 -0.97 -10.29
CA PHE A 354 -0.77 -0.47 -10.34
C PHE A 354 0.19 -1.58 -10.68
N GLN A 355 -0.03 -2.80 -10.18
CA GLN A 355 0.97 -3.87 -10.45
C GLN A 355 0.98 -4.15 -11.95
N SER A 356 -0.14 -4.14 -12.63
CA SER A 356 -0.22 -4.37 -14.07
C SER A 356 0.44 -3.23 -14.85
N GLY A 357 0.23 -1.99 -14.47
CA GLY A 357 0.91 -0.87 -15.13
C GLY A 357 2.40 -1.12 -15.07
N ASN A 358 2.91 -1.62 -13.97
CA ASN A 358 4.35 -1.86 -13.73
C ASN A 358 4.85 -3.04 -14.55
N ARG A 359 4.04 -3.75 -15.29
CA ARG A 359 4.50 -4.85 -16.20
C ARG A 359 4.14 -4.50 -17.64
N ASP A 360 3.79 -3.28 -17.96
CA ASP A 360 3.32 -2.93 -19.30
C ASP A 360 4.52 -2.92 -20.26
N ALA A 361 4.47 -3.79 -21.25
CA ALA A 361 5.61 -3.95 -22.20
C ALA A 361 5.72 -2.75 -23.10
N GLU A 362 4.73 -1.89 -23.23
CA GLU A 362 4.87 -0.64 -24.00
C GLU A 362 5.79 0.31 -23.26
N VAL A 363 6.03 0.14 -21.96
CA VAL A 363 6.83 1.07 -21.16
C VAL A 363 8.13 0.41 -20.71
N PHE A 364 8.07 -0.85 -20.31
CA PHE A 364 9.23 -1.58 -19.79
C PHE A 364 9.62 -2.72 -20.74
N ASP A 365 10.90 -2.69 -21.14
CA ASP A 365 11.49 -3.81 -21.90
C ASP A 365 11.65 -5.02 -20.97
N ARG A 366 11.23 -6.20 -21.43
CA ARG A 366 11.26 -7.45 -20.65
C ARG A 366 10.73 -7.13 -19.25
N PRO A 367 9.45 -6.80 -19.21
CA PRO A 367 8.90 -6.27 -17.94
C PRO A 367 8.88 -7.23 -16.76
N ASP A 368 8.98 -8.56 -17.00
CA ASP A 368 9.01 -9.51 -15.87
C ASP A 368 10.42 -9.78 -15.40
N ASP A 369 11.42 -9.18 -16.05
CA ASP A 369 12.81 -9.38 -15.61
C ASP A 369 13.13 -8.39 -14.51
N PHE A 370 13.93 -8.82 -13.56
CA PHE A 370 14.49 -7.99 -12.51
C PHE A 370 15.72 -7.28 -13.07
N ASP A 371 15.62 -6.02 -13.45
CA ASP A 371 16.70 -5.31 -14.21
C ASP A 371 16.93 -3.98 -13.50
N ILE A 372 17.93 -3.86 -12.63
CA ILE A 372 18.19 -2.59 -11.92
C ILE A 372 18.74 -1.51 -12.88
N ASP A 373 19.08 -1.85 -14.11
CA ASP A 373 19.69 -0.86 -15.05
C ASP A 373 18.64 -0.09 -15.85
N ARG A 374 17.36 -0.16 -15.47
CA ARG A 374 16.32 0.72 -16.08
C ARG A 374 16.53 2.15 -15.56
N ARG A 375 16.96 3.04 -16.44
CA ARG A 375 17.31 4.44 -16.07
C ARG A 375 16.77 5.34 -17.16
N PRO A 376 15.78 6.22 -16.86
CA PRO A 376 15.08 6.20 -15.56
C PRO A 376 14.16 4.97 -15.40
N ASN A 377 13.91 4.64 -14.15
CA ASN A 377 12.95 3.56 -13.85
C ASN A 377 11.57 4.21 -13.67
N LYS A 378 10.77 4.06 -14.69
CA LYS A 378 9.48 4.78 -14.86
C LYS A 378 8.34 4.14 -14.04
N HIS A 379 8.63 3.37 -12.99
CA HIS A 379 7.55 2.66 -12.28
C HIS A 379 6.51 3.63 -11.73
N ILE A 380 5.32 3.04 -11.59
CA ILE A 380 4.10 3.70 -11.08
C ILE A 380 3.69 2.98 -9.76
N ALA A 381 4.62 2.41 -8.99
CA ALA A 381 4.26 1.74 -7.72
C ALA A 381 3.65 2.70 -6.72
N PHE A 382 3.92 4.02 -6.83
CA PHE A 382 3.36 5.00 -5.90
C PHE A 382 2.11 5.67 -6.50
N GLY A 383 1.61 5.21 -7.63
CA GLY A 383 0.48 5.83 -8.28
C GLY A 383 0.85 7.15 -8.90
N TYR A 384 -0.10 8.05 -9.01
CA TYR A 384 -0.01 9.18 -9.93
C TYR A 384 -1.11 10.15 -9.56
N GLY A 385 -1.00 11.40 -10.02
CA GLY A 385 -2.00 12.40 -9.76
C GLY A 385 -1.99 12.90 -8.35
N PRO A 386 -3.01 13.70 -7.96
CA PRO A 386 -3.00 14.34 -6.66
C PRO A 386 -3.00 13.35 -5.49
N HIS A 387 -3.49 12.12 -5.70
CA HIS A 387 -3.45 11.07 -4.66
C HIS A 387 -2.13 10.31 -4.65
N MET A 388 -1.15 10.65 -5.48
CA MET A 388 0.11 9.90 -5.50
C MET A 388 0.65 9.80 -4.09
N CYS A 389 1.20 8.64 -3.75
CA CYS A 389 1.66 8.31 -2.40
C CYS A 389 2.36 9.52 -1.75
N ILE A 390 1.91 9.91 -0.58
CA ILE A 390 2.58 10.98 0.19
C ILE A 390 3.83 10.43 0.80
N GLY A 391 3.91 9.18 1.13
CA GLY A 391 5.04 8.61 1.89
C GLY A 391 6.21 8.18 1.02
N GLN A 392 6.15 8.40 -0.26
CA GLN A 392 7.09 7.77 -1.22
C GLN A 392 8.52 8.16 -0.87
N HIS A 393 8.77 9.39 -0.46
CA HIS A 393 10.19 9.77 -0.22
C HIS A 393 10.66 9.15 1.05
N LEU A 394 9.83 8.99 2.09
CA LEU A 394 10.22 8.29 3.32
C LEU A 394 10.48 6.82 3.04
N ALA A 395 9.64 6.16 2.26
CA ALA A 395 9.84 4.74 1.88
C ALA A 395 11.19 4.60 1.16
N LYS A 396 11.47 5.45 0.20
CA LYS A 396 12.75 5.33 -0.58
C LYS A 396 13.94 5.60 0.32
N LEU A 397 13.83 6.52 1.24
CA LEU A 397 14.95 6.78 2.18
C LEU A 397 15.16 5.58 3.09
N GLU A 398 14.11 5.05 3.70
CA GLU A 398 14.26 3.89 4.61
C GLU A 398 14.84 2.69 3.87
N LEU A 399 14.42 2.42 2.64
CA LEU A 399 14.90 1.22 1.91
C LEU A 399 16.36 1.46 1.54
N LYS A 400 16.71 2.67 1.12
CA LYS A 400 18.13 3.00 0.80
C LYS A 400 18.97 2.80 2.04
N VAL A 401 18.59 3.36 3.15
CA VAL A 401 19.42 3.29 4.38
C VAL A 401 19.56 1.85 4.81
N MET A 402 18.47 1.09 4.87
CA MET A 402 18.57 -0.31 5.31
C MET A 402 19.46 -1.06 4.35
N LEU A 403 19.35 -0.91 3.04
CA LEU A 403 20.19 -1.70 2.09
C LEU A 403 21.65 -1.25 2.21
N GLN A 404 21.90 0.02 2.39
CA GLN A 404 23.32 0.49 2.57
C GLN A 404 23.92 -0.24 3.75
N GLU A 405 23.23 -0.41 4.83
CA GLU A 405 23.77 -1.04 6.07
C GLU A 405 23.75 -2.56 5.97
N LEU A 406 22.75 -3.16 5.33
CA LEU A 406 22.58 -4.62 5.35
C LEU A 406 23.47 -5.27 4.30
N LEU A 407 23.49 -4.83 3.04
CA LEU A 407 24.08 -5.60 1.95
C LEU A 407 25.58 -5.87 2.23
N PRO A 408 26.36 -4.96 2.84
CA PRO A 408 27.75 -5.32 3.13
C PRO A 408 27.86 -6.60 3.96
N HIS A 409 26.86 -6.90 4.79
CA HIS A 409 26.84 -8.06 5.73
C HIS A 409 26.30 -9.32 5.08
N LEU A 410 25.80 -9.28 3.84
CA LEU A 410 25.20 -10.45 3.15
C LEU A 410 26.12 -10.91 2.03
N GLU A 411 26.51 -12.19 1.99
CA GLU A 411 27.20 -12.74 0.81
C GLU A 411 26.21 -13.41 -0.14
N ARG A 412 25.15 -14.00 0.40
CA ARG A 412 24.17 -14.77 -0.38
C ARG A 412 22.86 -14.89 0.41
N VAL A 413 21.76 -14.80 -0.33
CA VAL A 413 20.40 -15.11 0.18
C VAL A 413 19.93 -16.36 -0.55
N GLU A 414 19.51 -17.37 0.23
CA GLU A 414 18.83 -18.56 -0.30
C GLU A 414 17.42 -18.63 0.31
N VAL A 415 16.45 -18.85 -0.55
CA VAL A 415 15.07 -19.14 -0.08
C VAL A 415 15.02 -20.66 0.18
N SER A 416 14.73 -20.99 1.42
CA SER A 416 14.94 -22.37 1.96
C SER A 416 13.57 -23.03 2.20
N GLY A 417 12.49 -22.33 1.94
CA GLY A 417 11.14 -22.86 2.21
C GLY A 417 10.14 -22.04 1.46
N GLU A 418 8.86 -22.36 1.60
CA GLU A 418 7.81 -21.85 0.69
C GLU A 418 7.45 -20.42 1.09
N PRO A 419 7.59 -19.46 0.15
CA PRO A 419 7.11 -18.10 0.44
C PRO A 419 5.57 -18.09 0.53
N LYS A 420 5.10 -17.15 1.33
CA LYS A 420 3.63 -16.95 1.48
C LYS A 420 3.32 -15.47 1.31
N LEU A 421 2.29 -15.22 0.51
CA LEU A 421 1.75 -13.84 0.30
C LEU A 421 0.53 -13.64 1.15
N ILE A 422 0.26 -12.41 1.55
CA ILE A 422 -1.04 -12.00 2.09
C ILE A 422 -2.08 -12.15 0.99
N GLN A 423 -3.22 -12.77 1.29
CA GLN A 423 -4.29 -12.91 0.34
C GLN A 423 -5.12 -11.63 0.46
N THR A 424 -4.94 -10.75 -0.53
CA THR A 424 -5.63 -9.45 -0.57
C THR A 424 -5.57 -8.96 -2.00
N ASN A 425 -6.59 -8.21 -2.41
CA ASN A 425 -6.55 -7.43 -3.67
C ASN A 425 -6.07 -6.00 -3.42
N PHE A 426 -5.69 -5.68 -2.18
CA PHE A 426 -5.41 -4.30 -1.79
C PHE A 426 -3.94 -4.09 -1.46
N VAL A 427 -3.53 -4.21 -0.22
CA VAL A 427 -2.12 -3.96 0.20
C VAL A 427 -1.53 -5.31 0.60
N GLY A 428 -0.75 -5.89 -0.33
CA GLY A 428 -0.26 -7.27 -0.19
C GLY A 428 1.22 -7.32 -0.14
N GLY A 429 1.74 -8.42 -0.62
CA GLY A 429 3.17 -8.75 -0.50
C GLY A 429 3.41 -9.87 0.46
N LEU A 430 4.67 -10.19 0.68
CA LEU A 430 5.04 -11.39 1.45
C LEU A 430 4.67 -11.23 2.90
N ARG A 431 4.16 -12.34 3.52
CA ARG A 431 4.07 -12.49 4.99
C ARG A 431 5.12 -13.50 5.52
N LYS A 432 5.73 -14.24 4.60
CA LYS A 432 6.73 -15.27 5.05
C LYS A 432 7.68 -15.51 3.88
N LEU A 433 8.97 -15.51 4.26
CA LEU A 433 10.05 -15.81 3.30
C LEU A 433 11.16 -16.55 4.03
N PRO A 434 11.05 -17.90 4.11
CA PRO A 434 12.07 -18.66 4.83
C PRO A 434 13.39 -18.62 4.03
N VAL A 435 14.45 -18.20 4.74
CA VAL A 435 15.79 -18.03 4.10
C VAL A 435 16.85 -18.77 4.90
N HIS A 436 17.93 -19.03 4.14
CA HIS A 436 19.29 -19.33 4.64
C HIS A 436 20.23 -18.22 4.14
N LEU A 437 20.77 -17.47 5.08
CA LEU A 437 21.65 -16.34 4.74
C LEU A 437 23.09 -16.80 4.90
N THR A 438 23.96 -16.31 4.05
CA THR A 438 25.42 -16.44 4.23
C THR A 438 25.92 -15.05 4.58
N PHE A 439 26.45 -14.86 5.78
CA PHE A 439 26.91 -13.56 6.31
C PHE A 439 28.39 -13.29 6.06
N SER A 440 28.74 -12.03 6.28
CA SER A 440 30.11 -11.52 6.65
C SER A 440 29.96 -10.48 7.78
CAE C4O B . -1.76 2.56 0.81
CAB C4O B . -2.79 3.03 1.78
CAC C4O B . -2.93 4.39 2.18
CAF C4O B . -3.86 4.85 3.08
CAH C4O B . -4.63 3.91 3.65
CL C4O B . -5.84 4.50 4.77
CAG C4O B . -4.56 2.55 3.38
CAD C4O B . -3.60 2.14 2.43
CHA HEM C . -1.24 6.18 -1.26
CHB HEM C . 2.05 2.96 -2.62
CHC HEM C . 4.63 3.83 1.42
CHD HEM C . 1.14 6.79 2.98
C1A HEM C . -0.52 5.28 -2.01
C2A HEM C . -0.89 4.77 -3.30
C3A HEM C . 0.04 3.86 -3.72
C4A HEM C . 0.95 3.83 -2.61
CMA HEM C . 0.03 3.13 -4.99
CAA HEM C . -2.09 5.24 -4.07
CBA HEM C . -1.80 6.42 -5.07
CGA HEM C . -2.94 6.78 -5.94
O1A HEM C . -4.12 6.76 -5.49
O2A HEM C . -2.66 7.19 -7.16
C1B HEM C . 3.01 2.87 -1.56
C2B HEM C . 4.21 2.02 -1.70
C3B HEM C . 4.88 2.28 -0.54
C4B HEM C . 4.21 3.25 0.26
CMB HEM C . 4.57 1.18 -2.85
CAB HEM C . 6.18 1.77 -0.01
CBB HEM C . 6.91 0.91 -0.58
C1C HEM C . 3.96 4.73 2.23
C2C HEM C . 4.36 5.35 3.42
C3C HEM C . 3.35 6.18 3.89
C4C HEM C . 2.29 6.10 2.90
CMC HEM C . 5.75 5.16 4.01
CAC HEM C . 3.34 7.04 5.08
CBC HEM C . 4.33 7.19 5.96
C1D HEM C . 0.18 6.84 1.93
C2D HEM C . -1.06 7.66 2.04
C3D HEM C . -1.71 7.53 0.86
C4D HEM C . -0.92 6.60 0.02
CMD HEM C . -1.50 8.53 3.18
CAD HEM C . -3.00 8.16 0.37
CBD HEM C . -2.66 9.36 -0.57
CGD HEM C . -3.87 9.99 -1.15
O1D HEM C . -4.90 9.36 -1.37
O2D HEM C . -3.74 11.24 -1.43
NA HEM C . 0.64 4.65 -1.59
NB HEM C . 3.03 3.52 -0.40
NC HEM C . 2.68 5.24 1.95
ND HEM C . 0.22 6.18 0.73
FE HEM C . 1.77 5.09 0.04
P PO4 D . 2.10 -20.97 7.42
O1 PO4 D . 1.29 -21.81 8.42
O2 PO4 D . 2.36 -19.61 8.08
O3 PO4 D . 3.43 -21.66 7.18
O4 PO4 D . 1.39 -20.89 6.07
C1 GOL E . 3.62 -7.97 3.17
O1 GOL E . 2.27 -8.05 3.00
C2 GOL E . 3.57 -7.62 4.57
O2 GOL E . 3.73 -8.87 5.22
C3 GOL E . 4.45 -6.47 4.87
O3 GOL E . 5.63 -6.89 5.51
#